data_2XKE
#
_entry.id   2XKE
#
_cell.length_a   101.130
_cell.length_b   56.880
_cell.length_c   79.830
_cell.angle_alpha   90.00
_cell.angle_beta   133.36
_cell.angle_gamma   90.00
#
_symmetry.space_group_name_H-M   'C 1 2 1'
#
loop_
_entity.id
_entity.type
_entity.pdbx_description
1 polymer 'SERINE/THREONINE-PROTEIN KINASE NEK2'
2 non-polymer '1-[3-amino-6-(3-methoxyphenyl)pyrazin-2-yl]piperidine-4-carboxylic acid'
3 non-polymer 'CHLORIDE ION'
4 water water
#
_entity_poly.entity_id   1
_entity_poly.type   'polypeptide(L)'
_entity_poly.pdbx_seq_one_letter_code
;MPSRAEDYEVLYTIGTGSYGRCQKIRRKSDGKILVWKELDYGSMTEAEKQMLVSEVNLLRELKHPNIVRYYDRIIDRTNT
TLYIVMEYCEGGDLASVITKGTKERQYLDEEFVLRVMTQLTLALKECHRRSDGGHTVLHRDLKPANVFLDGKQNVKLGDF
GLARILNHDTSFAKTFVGTPYYMSPEQMNRMSYNEKSDIWSLGCLLYELCALMPPFTAFSQKELAGKIREGKFRRIPYRY
SDELNEIITRMLNLKDYHRPSVEEILENPLILEHHHHHH
;
_entity_poly.pdbx_strand_id   A
#
loop_
_chem_comp.id
_chem_comp.type
_chem_comp.name
_chem_comp.formula
CL non-polymer 'CHLORIDE ION' 'Cl -1'
WI2 non-polymer '1-[3-amino-6-(3-methoxyphenyl)pyrazin-2-yl]piperidine-4-carboxylic acid' 'C17 H20 N4 O3'
#
# COMPACT_ATOMS: atom_id res chain seq x y z
N SER A 3 12.99 20.01 15.27
CA SER A 3 11.86 19.15 15.61
C SER A 3 10.71 19.96 16.18
N ARG A 4 10.51 21.17 15.65
CA ARG A 4 9.34 21.97 15.97
C ARG A 4 8.60 22.29 14.68
N ALA A 5 7.29 22.45 14.77
CA ALA A 5 6.47 22.71 13.59
C ALA A 5 6.92 23.96 12.82
N GLU A 6 7.50 24.92 13.54
CA GLU A 6 7.90 26.22 12.99
C GLU A 6 9.09 26.08 12.05
N ASP A 7 9.77 24.95 12.14
CA ASP A 7 10.88 24.63 11.24
C ASP A 7 10.41 24.29 9.80
N TYR A 8 9.11 24.17 9.60
CA TYR A 8 8.57 23.79 8.30
C TYR A 8 7.53 24.78 7.80
N GLU A 9 7.44 24.96 6.48
CA GLU A 9 6.30 25.69 5.90
C GLU A 9 5.36 24.74 5.19
N VAL A 10 4.06 24.89 5.45
CA VAL A 10 3.07 24.09 4.74
C VAL A 10 2.94 24.64 3.31
N LEU A 11 3.03 23.77 2.30
CA LEU A 11 2.82 24.21 0.92
C LEU A 11 1.34 24.08 0.54
N TYR A 12 0.77 22.89 0.75
CA TYR A 12 -0.67 22.72 0.61
C TYR A 12 -1.11 21.40 1.23
N THR A 13 -2.42 21.26 1.39
CA THR A 13 -3.04 20.04 1.89
C THR A 13 -3.16 18.98 0.79
N ILE A 14 -2.74 17.76 1.11
CA ILE A 14 -2.84 16.64 0.17
C ILE A 14 -4.20 15.94 0.31
N GLY A 15 -4.57 15.63 1.55
CA GLY A 15 -5.85 14.99 1.82
C GLY A 15 -6.24 15.17 3.27
N THR A 16 -7.52 14.89 3.56
CA THR A 16 -8.06 15.03 4.90
C THR A 16 -8.74 13.74 5.36
N GLY A 20 -6.67 11.98 10.19
CA GLY A 20 -6.41 13.41 10.22
C GLY A 20 -6.16 14.02 8.85
N ARG A 21 -5.20 14.95 8.79
CA ARG A 21 -4.90 15.68 7.55
C ARG A 21 -3.45 15.53 7.09
N CYS A 22 -3.24 15.28 5.80
CA CYS A 22 -1.91 15.20 5.21
C CYS A 22 -1.53 16.42 4.39
N GLN A 23 -0.32 16.92 4.62
CA GLN A 23 0.12 18.17 4.00
C GLN A 23 1.53 18.06 3.43
N LYS A 24 1.73 18.64 2.25
CA LYS A 24 3.06 18.74 1.69
C LYS A 24 3.70 19.90 2.40
N ILE A 25 4.94 19.72 2.88
CA ILE A 25 5.65 20.73 3.65
C ILE A 25 7.09 20.89 3.14
N ARG A 26 7.71 22.00 3.48
CA ARG A 26 9.09 22.23 3.11
C ARG A 26 9.91 22.60 4.34
N ARG A 27 11.00 21.86 4.56
CA ARG A 27 11.87 22.14 5.66
C ARG A 27 12.68 23.40 5.38
N LYS A 28 12.57 24.38 6.27
CA LYS A 28 13.19 25.70 6.07
C LYS A 28 14.71 25.70 5.95
N SER A 29 15.39 24.85 6.72
CA SER A 29 16.86 24.83 6.78
C SER A 29 17.52 24.55 5.42
N ASP A 30 16.97 23.60 4.66
CA ASP A 30 17.60 23.14 3.43
C ASP A 30 16.62 23.05 2.26
N GLY A 31 15.36 23.42 2.48
CA GLY A 31 14.36 23.36 1.43
C GLY A 31 13.81 21.97 1.08
N LYS A 32 14.14 20.96 1.88
CA LYS A 32 13.72 19.58 1.55
C LYS A 32 12.21 19.40 1.62
N ILE A 33 11.66 18.74 0.59
CA ILE A 33 10.22 18.46 0.50
C ILE A 33 9.82 17.18 1.22
N LEU A 34 8.79 17.27 2.06
CA LEU A 34 8.36 16.18 2.93
C LEU A 34 6.86 16.27 3.00
N VAL A 35 6.24 15.36 3.75
CA VAL A 35 4.85 15.58 4.12
C VAL A 35 4.72 15.29 5.60
N TRP A 36 3.67 15.82 6.21
CA TRP A 36 3.34 15.35 7.54
C TRP A 36 1.86 15.02 7.64
N LYS A 37 1.53 14.14 8.56
CA LYS A 37 0.15 13.80 8.87
C LYS A 37 -0.17 14.41 10.23
N GLU A 38 -1.30 15.10 10.31
CA GLU A 38 -1.72 15.79 11.53
C GLU A 38 -2.66 14.94 12.36
N LEU A 39 -2.25 14.57 13.55
CA LEU A 39 -3.13 13.82 14.44
C LEU A 39 -3.51 14.67 15.65
N ASP A 40 -4.77 15.07 15.74
CA ASP A 40 -5.26 15.77 16.93
C ASP A 40 -5.50 14.79 18.09
N TYR A 41 -4.69 14.88 19.14
CA TYR A 41 -4.82 13.96 20.27
C TYR A 41 -5.59 14.57 21.45
N GLY A 42 -6.13 15.77 21.27
CA GLY A 42 -6.85 16.48 22.32
C GLY A 42 -8.07 15.78 22.89
N SER A 43 -8.65 14.85 22.15
CA SER A 43 -9.82 14.10 22.63
C SER A 43 -9.45 12.71 23.14
N MET A 44 -8.15 12.48 23.32
CA MET A 44 -7.66 11.17 23.74
C MET A 44 -7.32 11.05 25.23
N THR A 45 -7.50 9.84 25.72
CA THR A 45 -7.13 9.47 27.08
C THR A 45 -5.62 9.18 27.15
N GLU A 46 -5.08 9.16 28.37
CA GLU A 46 -3.68 8.83 28.56
C GLU A 46 -3.39 7.46 27.94
N ALA A 47 -4.35 6.55 28.06
CA ALA A 47 -4.21 5.17 27.57
C ALA A 47 -4.16 5.13 26.04
N GLU A 48 -4.94 6.01 25.41
CA GLU A 48 -4.94 6.13 23.97
C GLU A 48 -3.70 6.86 23.45
N LYS A 49 -3.14 7.76 24.26
CA LYS A 49 -1.93 8.48 23.88
C LYS A 49 -0.68 7.63 24.05
N GLN A 50 -0.70 6.76 25.05
CA GLN A 50 0.38 5.80 25.24
C GLN A 50 0.47 4.79 24.08
N MET A 51 -0.67 4.32 23.59
CA MET A 51 -0.70 3.44 22.44
C MET A 51 -0.31 4.17 21.17
N LEU A 52 -0.61 5.46 21.12
CA LEU A 52 -0.21 6.28 19.99
C LEU A 52 1.31 6.45 19.91
N VAL A 53 1.92 6.82 21.04
CA VAL A 53 3.38 6.93 21.14
C VAL A 53 4.10 5.61 20.83
N SER A 54 3.51 4.51 21.26
CA SER A 54 4.04 3.18 20.99
C SER A 54 4.05 2.91 19.47
N GLU A 55 2.90 3.09 18.84
CA GLU A 55 2.78 2.92 17.39
C GLU A 55 3.76 3.78 16.60
N VAL A 56 3.97 5.01 17.06
CA VAL A 56 4.80 5.96 16.34
C VAL A 56 6.29 5.60 16.42
N ASN A 57 6.71 5.12 17.59
CA ASN A 57 8.09 4.68 17.76
C ASN A 57 8.44 3.43 16.96
N LEU A 58 7.45 2.61 16.66
CA LEU A 58 7.66 1.44 15.82
C LEU A 58 7.72 1.82 14.34
N LEU A 59 6.99 2.87 13.96
CA LEU A 59 7.04 3.41 12.61
C LEU A 59 8.44 3.88 12.25
N ARG A 60 9.13 4.45 13.23
CA ARG A 60 10.42 5.09 13.00
C ARG A 60 11.51 4.09 12.64
N GLU A 61 11.31 2.84 13.04
CA GLU A 61 12.29 1.79 12.79
C GLU A 61 12.09 0.99 11.51
N LEU A 62 11.04 1.31 10.75
CA LEU A 62 10.81 0.67 9.44
C LEU A 62 11.63 1.37 8.37
N LYS A 63 12.82 0.83 8.10
CA LYS A 63 13.68 1.36 7.05
C LYS A 63 13.76 0.34 5.93
N HIS A 64 13.18 0.69 4.79
CA HIS A 64 13.14 -0.19 3.64
C HIS A 64 12.76 0.67 2.44
N PRO A 65 13.42 0.46 1.29
CA PRO A 65 13.15 1.27 0.09
C PRO A 65 11.68 1.17 -0.36
N ASN A 66 10.98 0.07 -0.07
CA ASN A 66 9.58 -0.04 -0.52
C ASN A 66 8.52 0.15 0.57
N ILE A 67 8.92 0.83 1.65
CA ILE A 67 8.00 1.24 2.72
C ILE A 67 8.16 2.75 2.94
N VAL A 68 7.06 3.49 2.95
CA VAL A 68 7.12 4.92 3.16
C VAL A 68 8.01 5.17 4.39
N ARG A 69 8.95 6.09 4.28
CA ARG A 69 9.89 6.38 5.36
C ARG A 69 9.35 7.46 6.32
N TYR A 70 9.22 7.11 7.60
CA TYR A 70 8.77 8.05 8.64
C TYR A 70 9.93 8.57 9.48
N TYR A 71 10.23 9.86 9.34
CA TYR A 71 11.42 10.49 9.88
C TYR A 71 11.31 10.97 11.31
N ASP A 72 10.24 11.68 11.61
CA ASP A 72 10.18 12.47 12.84
C ASP A 72 8.75 12.54 13.34
N ARG A 73 8.59 13.03 14.56
CA ARG A 73 7.28 13.29 15.12
C ARG A 73 7.39 14.60 15.90
N ILE A 74 6.35 15.43 15.83
CA ILE A 74 6.38 16.78 16.39
C ILE A 74 5.14 17.03 17.22
N ILE A 75 5.34 17.55 18.42
CA ILE A 75 4.23 17.81 19.31
C ILE A 75 3.92 19.29 19.39
N ASP A 76 2.64 19.61 19.34
CA ASP A 76 2.20 21.00 19.46
C ASP A 76 1.07 21.08 20.47
N ARG A 77 1.45 21.18 21.75
CA ARG A 77 0.49 21.18 22.85
C ARG A 77 -0.53 22.32 22.78
N THR A 78 -0.15 23.41 22.11
CA THR A 78 -1.05 24.55 21.92
C THR A 78 -2.27 24.18 21.10
N ASN A 79 -2.14 23.13 20.28
CA ASN A 79 -3.25 22.69 19.45
C ASN A 79 -3.56 21.22 19.70
N THR A 80 -2.92 20.66 20.72
CA THR A 80 -2.97 19.21 20.95
C THR A 80 -2.85 18.47 19.62
N THR A 81 -1.86 18.86 18.82
CA THR A 81 -1.64 18.27 17.49
C THR A 81 -0.26 17.58 17.40
N LEU A 82 -0.30 16.30 17.02
CA LEU A 82 0.91 15.54 16.73
C LEU A 82 1.13 15.47 15.21
N TYR A 83 2.36 15.75 14.78
CA TYR A 83 2.72 15.74 13.36
C TYR A 83 3.71 14.63 13.10
N ILE A 84 3.37 13.75 12.15
CA ILE A 84 4.28 12.68 11.74
C ILE A 84 4.90 13.07 10.39
N VAL A 85 6.19 13.37 10.40
CA VAL A 85 6.90 13.82 9.21
C VAL A 85 7.41 12.58 8.44
N MET A 86 7.15 12.54 7.14
CA MET A 86 7.54 11.40 6.33
C MET A 86 7.99 11.84 4.95
N GLU A 87 8.57 10.93 4.17
CA GLU A 87 8.94 11.26 2.80
C GLU A 87 7.74 11.63 1.95
N TYR A 88 8.01 12.40 0.91
CA TYR A 88 7.01 12.75 -0.09
C TYR A 88 7.09 11.84 -1.30
N CYS A 89 5.94 11.23 -1.65
CA CYS A 89 5.81 10.34 -2.79
C CYS A 89 5.07 11.05 -3.91
N GLU A 90 5.80 11.66 -4.84
CA GLU A 90 5.19 12.60 -5.75
C GLU A 90 4.17 11.96 -6.72
N GLY A 91 4.22 10.64 -6.85
CA GLY A 91 3.32 9.97 -7.79
C GLY A 91 1.93 9.73 -7.24
N GLY A 92 1.69 10.03 -5.96
CA GLY A 92 0.39 9.79 -5.35
C GLY A 92 0.13 8.31 -5.09
N ASP A 93 -1.14 7.94 -4.90
CA ASP A 93 -1.50 6.57 -4.55
C ASP A 93 -1.93 5.73 -5.76
N LEU A 94 -1.98 4.42 -5.58
CA LEU A 94 -2.33 3.50 -6.65
C LEU A 94 -3.81 3.54 -6.99
N ALA A 95 -4.65 3.82 -5.99
CA ALA A 95 -6.08 3.90 -6.25
C ALA A 95 -6.33 4.92 -7.36
N SER A 96 -5.68 6.08 -7.27
CA SER A 96 -5.82 7.13 -8.29
C SER A 96 -5.27 6.67 -9.65
N VAL A 97 -4.24 5.83 -9.63
CA VAL A 97 -3.74 5.32 -10.91
C VAL A 97 -4.80 4.44 -11.61
N ILE A 98 -5.53 3.66 -10.82
CA ILE A 98 -6.55 2.74 -11.32
C ILE A 98 -7.76 3.53 -11.85
N THR A 99 -8.12 4.57 -11.11
CA THR A 99 -9.19 5.49 -11.49
C THR A 99 -8.87 6.16 -12.82
N LYS A 100 -7.66 6.72 -12.92
CA LYS A 100 -7.18 7.32 -14.16
C LYS A 100 -7.34 6.35 -15.34
N GLY A 101 -6.86 5.11 -15.17
CA GLY A 101 -6.97 4.08 -16.20
C GLY A 101 -8.40 3.83 -16.65
N THR A 102 -9.33 3.74 -15.70
CA THR A 102 -10.74 3.54 -16.04
C THR A 102 -11.28 4.71 -16.87
N LYS A 103 -10.95 5.94 -16.47
CA LYS A 103 -11.47 7.14 -17.16
C LYS A 103 -10.87 7.31 -18.56
N GLU A 104 -9.55 7.13 -18.67
CA GLU A 104 -8.85 7.17 -19.95
C GLU A 104 -9.14 5.94 -20.80
N ARG A 105 -9.92 5.01 -20.26
CA ARG A 105 -10.15 3.71 -20.91
C ARG A 105 -8.83 3.11 -21.42
N GLN A 106 -7.85 3.04 -20.53
CA GLN A 106 -6.53 2.60 -20.90
C GLN A 106 -5.96 1.68 -19.83
N TYR A 107 -5.62 0.47 -20.23
CA TYR A 107 -5.03 -0.51 -19.34
C TYR A 107 -3.57 -0.15 -18.99
N LEU A 108 -3.13 -0.52 -17.79
CA LEU A 108 -1.75 -0.27 -17.38
C LEU A 108 -0.73 -1.21 -18.06
N ASP A 109 0.49 -0.73 -18.28
CA ASP A 109 1.55 -1.60 -18.87
C ASP A 109 1.86 -2.81 -17.99
N GLU A 110 2.11 -3.96 -18.62
CA GLU A 110 2.55 -5.13 -17.85
C GLU A 110 3.83 -4.84 -17.05
N GLU A 111 4.77 -4.10 -17.66
CA GLU A 111 5.99 -3.72 -16.93
C GLU A 111 5.67 -3.01 -15.63
N PHE A 112 4.63 -2.18 -15.62
CA PHE A 112 4.26 -1.45 -14.40
C PHE A 112 3.72 -2.42 -13.36
N VAL A 113 2.86 -3.35 -13.81
CA VAL A 113 2.28 -4.33 -12.89
C VAL A 113 3.40 -5.23 -12.30
N LEU A 114 4.40 -5.58 -13.12
CA LEU A 114 5.56 -6.37 -12.59
C LEU A 114 6.36 -5.61 -11.55
N ARG A 115 6.52 -4.30 -11.73
CA ARG A 115 7.19 -3.49 -10.71
C ARG A 115 6.40 -3.47 -9.41
N VAL A 116 5.09 -3.26 -9.48
CA VAL A 116 4.29 -3.21 -8.26
C VAL A 116 4.38 -4.57 -7.56
N MET A 117 4.22 -5.64 -8.33
CA MET A 117 4.28 -6.97 -7.76
C MET A 117 5.62 -7.19 -7.04
N THR A 118 6.71 -6.89 -7.74
CA THR A 118 8.06 -7.15 -7.22
C THR A 118 8.28 -6.33 -5.95
N GLN A 119 7.98 -5.04 -6.01
CA GLN A 119 8.30 -4.14 -4.92
C GLN A 119 7.38 -4.29 -3.72
N LEU A 120 6.10 -4.56 -3.95
CA LEU A 120 5.18 -4.82 -2.83
C LEU A 120 5.46 -6.16 -2.19
N THR A 121 5.89 -7.14 -2.97
CA THR A 121 6.25 -8.44 -2.42
C THR A 121 7.43 -8.29 -1.44
N LEU A 122 8.39 -7.44 -1.81
CA LEU A 122 9.55 -7.18 -0.96
C LEU A 122 9.17 -6.36 0.27
N ALA A 123 8.25 -5.40 0.12
CA ALA A 123 7.72 -4.71 1.30
C ALA A 123 7.06 -5.69 2.28
N LEU A 124 6.23 -6.59 1.76
CA LEU A 124 5.60 -7.61 2.60
C LEU A 124 6.64 -8.51 3.28
N LYS A 125 7.63 -8.96 2.51
CA LYS A 125 8.69 -9.79 3.08
C LYS A 125 9.31 -9.08 4.29
N GLU A 126 9.51 -7.77 4.18
CA GLU A 126 10.12 -7.03 5.26
C GLU A 126 9.15 -6.94 6.44
N CYS A 127 7.86 -6.73 6.15
CA CYS A 127 6.85 -6.68 7.22
C CYS A 127 6.74 -7.99 7.99
N HIS A 128 6.81 -9.10 7.28
CA HIS A 128 6.74 -10.41 7.91
C HIS A 128 7.96 -10.67 8.77
N ARG A 129 9.13 -10.26 8.27
CA ARG A 129 10.38 -10.43 9.01
C ARG A 129 10.35 -9.67 10.35
N ARG A 130 9.66 -8.52 10.37
CA ARG A 130 9.55 -7.70 11.58
C ARG A 130 8.64 -8.28 12.66
N SER A 131 7.84 -9.28 12.30
CA SER A 131 6.89 -9.90 13.23
C SER A 131 7.33 -11.30 13.64
N ASP A 141 -2.41 -3.31 5.95
CA ASP A 141 -3.60 -3.44 5.10
C ASP A 141 -3.27 -3.14 3.64
N LEU A 142 -3.27 -4.19 2.83
CA LEU A 142 -2.81 -4.07 1.46
C LEU A 142 -3.92 -3.73 0.50
N LYS A 143 -4.04 -2.46 0.17
CA LYS A 143 -5.04 -1.96 -0.75
C LYS A 143 -4.46 -0.80 -1.57
N PRO A 144 -5.11 -0.46 -2.68
CA PRO A 144 -4.46 0.51 -3.58
C PRO A 144 -4.30 1.88 -2.94
N ALA A 145 -5.26 2.25 -2.10
CA ALA A 145 -5.20 3.53 -1.41
C ALA A 145 -3.98 3.65 -0.49
N ASN A 146 -3.38 2.52 -0.11
CA ASN A 146 -2.21 2.52 0.79
C ASN A 146 -0.90 2.24 0.05
N VAL A 147 -0.88 2.41 -1.26
CA VAL A 147 0.35 2.14 -1.98
C VAL A 147 0.69 3.38 -2.73
N PHE A 148 1.93 3.84 -2.57
CA PHE A 148 2.32 5.15 -3.05
C PHE A 148 3.45 5.06 -4.05
N LEU A 149 3.52 6.02 -4.96
CA LEU A 149 4.58 6.05 -5.96
C LEU A 149 5.47 7.28 -5.78
N ASP A 150 6.78 7.09 -5.91
CA ASP A 150 7.70 8.22 -5.83
C ASP A 150 7.98 8.75 -7.24
N GLY A 151 9.03 9.54 -7.39
CA GLY A 151 9.34 10.17 -8.67
C GLY A 151 10.15 9.33 -9.65
N LYS A 152 10.52 8.12 -9.26
CA LYS A 152 11.29 7.30 -10.18
C LYS A 152 10.80 5.88 -10.28
N GLN A 153 9.49 5.70 -10.39
CA GLN A 153 8.95 4.36 -10.64
C GLN A 153 9.14 3.42 -9.45
N ASN A 154 9.29 3.97 -8.25
CA ASN A 154 9.35 3.10 -7.09
C ASN A 154 7.99 3.07 -6.39
N VAL A 155 7.73 1.95 -5.75
CA VAL A 155 6.45 1.67 -5.16
C VAL A 155 6.67 1.53 -3.67
N LYS A 156 5.87 2.20 -2.86
CA LYS A 156 6.05 2.16 -1.41
C LYS A 156 4.76 1.90 -0.61
N LEU A 157 4.83 0.96 0.31
CA LEU A 157 3.70 0.63 1.17
C LEU A 157 3.63 1.64 2.30
N GLY A 158 2.46 2.23 2.55
CA GLY A 158 2.34 3.18 3.62
C GLY A 158 1.23 2.88 4.61
N ASP A 159 0.74 3.94 5.26
CA ASP A 159 -0.36 3.93 6.23
C ASP A 159 -0.10 3.05 7.45
N PHE A 160 -0.65 1.85 7.44
CA PHE A 160 -0.53 0.93 8.56
C PHE A 160 -1.56 1.25 9.64
N THR A 179 -16.87 -1.98 2.21
CA THR A 179 -16.83 -3.20 1.38
C THR A 179 -15.43 -3.81 1.30
N PRO A 180 -15.22 -4.96 1.97
CA PRO A 180 -13.89 -5.59 2.10
C PRO A 180 -13.50 -6.46 0.88
N TYR A 181 -13.30 -5.80 -0.26
CA TYR A 181 -13.00 -6.46 -1.54
C TYR A 181 -11.89 -7.51 -1.46
N TYR A 182 -10.86 -7.23 -0.66
CA TYR A 182 -9.65 -8.04 -0.59
C TYR A 182 -9.63 -9.06 0.54
N MET A 183 -10.77 -9.26 1.20
CA MET A 183 -10.84 -10.15 2.35
C MET A 183 -10.61 -11.60 1.90
N SER A 184 -9.63 -12.26 2.50
CA SER A 184 -9.33 -13.64 2.11
C SER A 184 -10.34 -14.60 2.71
N PRO A 185 -10.53 -15.75 2.07
CA PRO A 185 -11.50 -16.76 2.55
C PRO A 185 -11.24 -17.18 4.00
N GLU A 186 -9.97 -17.35 4.37
CA GLU A 186 -9.64 -17.77 5.73
C GLU A 186 -9.93 -16.67 6.75
N GLN A 187 -9.58 -15.43 6.41
CA GLN A 187 -9.83 -14.30 7.28
C GLN A 187 -11.32 -14.06 7.35
N MET A 188 -12.01 -14.63 6.37
CA MET A 188 -13.47 -14.62 6.34
C MET A 188 -14.02 -15.55 7.43
N ASN A 189 -13.35 -16.68 7.63
CA ASN A 189 -13.78 -17.69 8.60
C ASN A 189 -12.93 -17.70 9.87
N ASN A 194 -1.86 -14.97 9.58
CA ASN A 194 -1.52 -15.77 8.40
C ASN A 194 -0.87 -14.94 7.28
N GLU A 195 0.42 -15.18 7.03
CA GLU A 195 1.16 -14.50 5.96
C GLU A 195 0.64 -14.83 4.54
N LYS A 196 0.02 -15.99 4.37
CA LYS A 196 -0.64 -16.33 3.10
C LYS A 196 -1.89 -15.51 2.82
N SER A 197 -2.53 -15.00 3.88
CA SER A 197 -3.61 -14.04 3.70
C SER A 197 -3.13 -12.76 3.03
N ASP A 198 -1.92 -12.32 3.36
CA ASP A 198 -1.37 -11.15 2.67
C ASP A 198 -1.15 -11.46 1.19
N ILE A 199 -0.74 -12.69 0.89
CA ILE A 199 -0.52 -13.08 -0.51
C ILE A 199 -1.84 -12.95 -1.27
N TRP A 200 -2.94 -13.41 -0.67
CA TRP A 200 -4.27 -13.27 -1.28
C TRP A 200 -4.56 -11.80 -1.62
N SER A 201 -4.34 -10.91 -0.64
CA SER A 201 -4.63 -9.48 -0.79
C SER A 201 -3.77 -8.85 -1.89
N LEU A 202 -2.52 -9.29 -2.01
CA LEU A 202 -1.65 -8.80 -3.09
C LEU A 202 -2.21 -9.26 -4.43
N GLY A 203 -2.66 -10.54 -4.47
CA GLY A 203 -3.27 -11.06 -5.68
C GLY A 203 -4.44 -10.19 -6.14
N CYS A 204 -5.29 -9.81 -5.19
CA CYS A 204 -6.48 -8.98 -5.50
C CYS A 204 -6.07 -7.60 -6.03
N LEU A 205 -5.06 -7.02 -5.37
CA LEU A 205 -4.53 -5.72 -5.78
C LEU A 205 -3.89 -5.79 -7.17
N LEU A 206 -3.09 -6.80 -7.42
CA LEU A 206 -2.45 -6.91 -8.72
C LEU A 206 -3.52 -7.20 -9.78
N TYR A 207 -4.54 -7.98 -9.40
CA TYR A 207 -5.61 -8.30 -10.36
C TYR A 207 -6.35 -7.00 -10.71
N GLU A 208 -6.61 -6.19 -9.70
CA GLU A 208 -7.33 -4.95 -9.96
C GLU A 208 -6.48 -4.00 -10.81
N LEU A 209 -5.17 -4.02 -10.65
CA LEU A 209 -4.31 -3.19 -11.48
C LEU A 209 -4.44 -3.55 -12.94
N CYS A 210 -4.51 -4.85 -13.23
CA CYS A 210 -4.69 -5.33 -14.62
C CYS A 210 -6.12 -5.14 -15.21
N ALA A 211 -7.14 -5.57 -14.46
CA ALA A 211 -8.54 -5.52 -14.94
C ALA A 211 -9.22 -4.19 -14.70
N LEU A 212 -8.67 -3.39 -13.80
CA LEU A 212 -9.23 -2.09 -13.41
C LEU A 212 -10.50 -2.34 -12.64
N MET A 213 -10.64 -3.55 -12.10
CA MET A 213 -11.74 -3.86 -11.20
C MET A 213 -11.25 -5.06 -10.39
N PRO A 214 -11.79 -5.23 -9.17
CA PRO A 214 -11.35 -6.33 -8.28
C PRO A 214 -11.87 -7.65 -8.80
N PRO A 215 -11.30 -8.77 -8.36
CA PRO A 215 -11.67 -10.08 -8.91
C PRO A 215 -13.09 -10.55 -8.50
N PHE A 216 -13.56 -10.02 -7.37
CA PHE A 216 -14.82 -10.40 -6.77
C PHE A 216 -15.60 -9.12 -6.46
N THR A 217 -16.75 -8.93 -7.10
CA THR A 217 -17.58 -7.75 -6.88
C THR A 217 -18.99 -8.18 -6.48
N ALA A 218 -19.69 -7.30 -5.78
CA ALA A 218 -21.02 -7.60 -5.28
C ALA A 218 -21.59 -6.37 -4.57
N PHE A 219 -22.92 -6.35 -4.40
CA PHE A 219 -23.59 -5.19 -3.79
C PHE A 219 -23.70 -5.26 -2.27
N SER A 220 -23.47 -6.43 -1.70
CA SER A 220 -23.45 -6.59 -0.25
C SER A 220 -22.37 -7.57 0.17
N GLN A 221 -22.02 -7.52 1.44
CA GLN A 221 -20.90 -8.29 1.96
C GLN A 221 -21.21 -9.77 1.93
N LYS A 222 -22.48 -10.11 2.10
CA LYS A 222 -22.91 -11.50 2.10
C LYS A 222 -22.80 -12.06 0.68
N GLU A 223 -23.14 -11.26 -0.30
CA GLU A 223 -23.02 -11.64 -1.71
C GLU A 223 -21.54 -11.74 -2.05
N LEU A 224 -20.76 -10.71 -1.69
CA LEU A 224 -19.30 -10.75 -1.82
C LEU A 224 -18.72 -12.05 -1.23
N ALA A 225 -19.14 -12.42 -0.02
CA ALA A 225 -18.56 -13.57 0.66
C ALA A 225 -18.85 -14.86 -0.11
N GLY A 226 -20.06 -14.97 -0.64
CA GLY A 226 -20.40 -16.03 -1.57
C GLY A 226 -19.44 -16.14 -2.75
N LYS A 227 -19.23 -15.04 -3.46
CA LYS A 227 -18.31 -15.04 -4.60
C LYS A 227 -16.90 -15.46 -4.23
N ILE A 228 -16.38 -14.88 -3.16
CA ILE A 228 -15.05 -15.19 -2.66
C ILE A 228 -14.87 -16.68 -2.35
N ARG A 229 -15.86 -17.28 -1.66
CA ARG A 229 -15.71 -18.68 -1.27
C ARG A 229 -15.72 -19.62 -2.47
N GLU A 230 -16.36 -19.19 -3.57
CA GLU A 230 -16.39 -19.99 -4.79
C GLU A 230 -15.06 -19.89 -5.57
N GLY A 231 -14.38 -18.74 -5.45
CA GLY A 231 -13.01 -18.61 -5.91
C GLY A 231 -12.87 -18.53 -7.42
N LYS A 232 -13.93 -18.10 -8.09
CA LYS A 232 -13.94 -17.93 -9.54
C LYS A 232 -13.89 -16.46 -9.92
N PHE A 233 -13.22 -16.17 -11.03
CA PHE A 233 -13.09 -14.81 -11.48
C PHE A 233 -12.68 -14.85 -12.96
N ARG A 234 -12.83 -13.72 -13.66
CA ARG A 234 -12.45 -13.62 -15.06
C ARG A 234 -10.92 -13.60 -15.22
N ARG A 235 -10.42 -14.09 -16.36
CA ARG A 235 -9.00 -13.95 -16.62
C ARG A 235 -8.73 -12.44 -16.69
N ILE A 236 -7.56 -12.00 -16.24
CA ILE A 236 -7.18 -10.62 -16.51
C ILE A 236 -7.13 -10.43 -18.03
N PRO A 237 -7.17 -9.18 -18.48
CA PRO A 237 -7.25 -9.02 -19.94
C PRO A 237 -6.12 -9.71 -20.75
N TYR A 238 -6.42 -9.99 -22.02
CA TYR A 238 -5.52 -10.77 -22.90
C TYR A 238 -4.25 -10.06 -23.33
N ARG A 239 -4.22 -8.74 -23.18
CA ARG A 239 -2.97 -8.03 -23.39
C ARG A 239 -1.89 -8.45 -22.36
N TYR A 240 -2.29 -9.06 -21.24
CA TYR A 240 -1.34 -9.57 -20.24
C TYR A 240 -0.97 -11.04 -20.48
N SER A 241 0.30 -11.35 -20.29
CA SER A 241 0.87 -12.65 -20.62
C SER A 241 0.24 -13.75 -19.77
N ASP A 242 0.23 -14.98 -20.30
CA ASP A 242 -0.15 -16.17 -19.54
C ASP A 242 0.67 -16.29 -18.25
N GLU A 243 1.96 -15.96 -18.32
CA GLU A 243 2.79 -16.02 -17.11
C GLU A 243 2.33 -15.05 -15.98
N LEU A 244 2.02 -13.81 -16.33
CA LEU A 244 1.47 -12.85 -15.36
C LEU A 244 0.10 -13.37 -14.84
N ASN A 245 -0.79 -13.75 -15.75
CA ASN A 245 -2.06 -14.32 -15.33
C ASN A 245 -1.90 -15.49 -14.39
N GLU A 246 -0.92 -16.34 -14.65
CA GLU A 246 -0.76 -17.55 -13.84
C GLU A 246 -0.35 -17.23 -12.39
N ILE A 247 0.60 -16.32 -12.21
CA ILE A 247 1.02 -16.04 -10.84
C ILE A 247 -0.06 -15.29 -10.02
N ILE A 248 -0.70 -14.32 -10.65
CA ILE A 248 -1.85 -13.69 -9.99
C ILE A 248 -2.91 -14.73 -9.57
N THR A 249 -3.23 -15.63 -10.48
CA THR A 249 -4.23 -16.66 -10.21
C THR A 249 -3.85 -17.55 -9.03
N ARG A 250 -2.56 -17.93 -8.97
CA ARG A 250 -2.05 -18.74 -7.88
C ARG A 250 -2.22 -18.02 -6.55
N MET A 251 -1.96 -16.71 -6.53
CA MET A 251 -2.09 -15.93 -5.29
C MET A 251 -3.54 -15.92 -4.82
N LEU A 252 -4.47 -16.07 -5.77
CA LEU A 252 -5.88 -16.11 -5.47
C LEU A 252 -6.42 -17.54 -5.26
N ASN A 253 -5.52 -18.50 -5.02
CA ASN A 253 -5.98 -19.84 -4.67
C ASN A 253 -6.77 -19.82 -3.36
N LEU A 254 -7.88 -20.57 -3.33
CA LEU A 254 -8.73 -20.68 -2.14
C LEU A 254 -7.98 -21.28 -0.96
N LYS A 255 -7.05 -22.18 -1.23
CA LYS A 255 -6.24 -22.82 -0.19
C LYS A 255 -4.99 -22.01 0.05
N ASP A 256 -4.85 -21.47 1.26
CA ASP A 256 -3.70 -20.64 1.58
C ASP A 256 -2.42 -21.36 1.26
N TYR A 257 -2.39 -22.67 1.47
CA TYR A 257 -1.15 -23.44 1.27
C TYR A 257 -0.81 -23.71 -0.21
N HIS A 258 -1.71 -23.37 -1.13
CA HIS A 258 -1.35 -23.45 -2.57
C HIS A 258 -0.92 -22.09 -3.11
N ARG A 259 -1.07 -21.03 -2.33
CA ARG A 259 -0.62 -19.72 -2.77
C ARG A 259 0.88 -19.68 -2.62
N PRO A 260 1.58 -19.01 -3.55
CA PRO A 260 3.05 -18.95 -3.47
C PRO A 260 3.53 -18.11 -2.29
N SER A 261 4.65 -18.49 -1.68
CA SER A 261 5.25 -17.65 -0.65
C SER A 261 5.93 -16.46 -1.30
N VAL A 262 6.33 -15.50 -0.48
CA VAL A 262 7.07 -14.33 -0.94
C VAL A 262 8.30 -14.77 -1.75
N GLU A 263 9.00 -15.79 -1.26
CA GLU A 263 10.21 -16.27 -1.90
C GLU A 263 9.88 -16.94 -3.26
N GLU A 264 8.79 -17.70 -3.30
CA GLU A 264 8.37 -18.31 -4.55
C GLU A 264 7.95 -17.26 -5.56
N ILE A 265 7.28 -16.20 -5.12
CA ILE A 265 6.93 -15.12 -6.04
C ILE A 265 8.18 -14.52 -6.72
N LEU A 266 9.17 -14.16 -5.91
CA LEU A 266 10.38 -13.48 -6.39
C LEU A 266 11.27 -14.37 -7.29
N GLU A 267 11.12 -15.68 -7.17
CA GLU A 267 11.79 -16.63 -8.07
C GLU A 267 11.16 -16.71 -9.44
N ASN A 268 10.00 -16.09 -9.63
CA ASN A 268 9.33 -16.16 -10.92
C ASN A 268 10.20 -15.55 -12.05
N PRO A 269 10.35 -16.28 -13.16
CA PRO A 269 11.12 -15.78 -14.30
C PRO A 269 10.66 -14.42 -14.83
N LEU A 270 9.42 -13.99 -14.58
CA LEU A 270 8.97 -12.64 -15.02
C LEU A 270 9.70 -11.49 -14.30
N ILE A 271 10.16 -11.73 -13.09
CA ILE A 271 10.66 -10.66 -12.22
C ILE A 271 12.16 -10.46 -12.44
N LEU A 272 12.52 -9.28 -12.94
CA LEU A 272 13.90 -9.01 -13.33
C LEU A 272 14.47 -7.86 -12.48
N GLU A 273 15.76 -7.55 -12.65
CA GLU A 273 16.41 -6.52 -11.85
C GLU A 273 15.69 -5.16 -11.98
N HIS A 274 15.35 -4.78 -13.20
CA HIS A 274 14.79 -3.44 -13.45
C HIS A 274 13.39 -3.24 -12.84
N HIS A 275 12.76 -4.32 -12.37
CA HIS A 275 11.45 -4.22 -11.72
C HIS A 275 11.62 -3.82 -10.24
N HIS A 276 12.86 -3.89 -9.73
CA HIS A 276 13.17 -3.55 -8.34
C HIS A 276 13.30 -2.06 -8.15
N HIS A 277 13.39 -1.61 -6.90
CA HIS A 277 13.52 -0.17 -6.63
C HIS A 277 14.86 0.30 -7.17
N HIS A 278 14.94 1.57 -7.56
CA HIS A 278 16.22 2.19 -7.83
C HIS A 278 16.19 3.61 -7.32
N HIS A 279 17.22 3.99 -6.54
CA HIS A 279 17.43 5.36 -6.10
C HIS A 279 17.58 6.30 -7.29
CAL WI2 B . 1.63 8.19 2.52
CAJ WI2 B . 1.55 7.65 3.95
CAW WI2 B . 0.16 7.84 4.52
CAQ WI2 B . 0.12 7.31 5.94
OAD WI2 B . 1.06 6.86 6.59
OAC WI2 B . -1.04 7.61 6.56
CAK WI2 B . -0.16 9.33 4.42
CAM WI2 B . -0.09 9.92 3.00
NAX WI2 B . 1.26 9.63 2.40
CAV WI2 B . 1.69 10.38 1.29
NAO WI2 B . 0.78 10.69 0.32
CAR WI2 B . 3.08 10.69 1.10
NAB WI2 B . 4.09 10.43 2.00
NAN WI2 B . 3.48 11.32 -0.06
CAH WI2 B . 2.55 11.63 -0.99
CAU WI2 B . 1.19 11.32 -0.82
CAT WI2 B . 0.24 11.71 -1.88
CAI WI2 B . 0.47 12.69 -2.85
CAG WI2 B . -1.01 11.06 -1.88
CAE WI2 B . -1.99 11.36 -2.84
CAF WI2 B . -1.76 12.33 -3.82
CAS WI2 B . -0.52 12.99 -3.80
OAP WI2 B . -0.17 13.92 -4.74
CAA WI2 B . -1.22 14.61 -5.42
CL CL C . -10.67 -0.28 -20.56
CL CL D . -11.22 -10.75 -20.00
CL CL E . 14.17 3.41 -3.64
CL CL F . 16.11 -2.31 -19.11
#